data_3FKR
#
_entry.id   3FKR
#
_cell.length_a   79.259
_cell.length_b   79.259
_cell.length_c   206.527
_cell.angle_alpha   90.00
_cell.angle_beta   90.00
_cell.angle_gamma   120.00
#
_symmetry.space_group_name_H-M   'P 31 2 1'
#
loop_
_entity.id
_entity.type
_entity.pdbx_description
1 polymer 'L-2-keto-3-deoxyarabonate dehydratase'
2 non-polymer 'PHOSPHATE ION'
3 non-polymer 'SODIUM ION'
4 water water
#
_entity_poly.entity_id   1
_entity_poly.type   'polypeptide(L)'
_entity_poly.pdbx_seq_one_letter_code
;MTSSSTPRHRGIFPVVPTTFADTGDLDLASQKRAVDFMIDAGSDGLCILANFSEQFAITDDERDVLTRTILEHVAGRVPV
IVTTSHYSTQVCAARSLRAQQLGAAMVMAMPPYHGATFRVPEAQIFEFYARVSDAIAIPIMVQDAPASGTALSAPFLARM
AREIEQVAYF(KPI)IETPGAANKLRELIRLGGDAIEGPWDGEEAITLLADLHAGATGAMTGGGFPDGIRPILEAWREGR
HDDAYARYQAWLPLINHENRQSGILTAKALMREGGVIASERPRHPMPELHPDTRAELLAIARRLDPLVLRWAH
;
_entity_poly.pdbx_strand_id   A,B
#
loop_
_chem_comp.id
_chem_comp.type
_chem_comp.name
_chem_comp.formula
NA non-polymer 'SODIUM ION' 'Na 1'
PO4 non-polymer 'PHOSPHATE ION' 'O4 P -3'
#
# COMPACT_ATOMS: atom_id res chain seq x y z
N THR A 6 6.97 -12.64 -33.34
CA THR A 6 7.90 -13.12 -32.32
C THR A 6 8.10 -12.11 -31.20
N PRO A 7 7.72 -12.53 -30.00
CA PRO A 7 7.88 -11.66 -28.84
C PRO A 7 9.35 -11.57 -28.47
N ARG A 8 9.68 -10.49 -27.80
CA ARG A 8 11.03 -10.29 -27.39
C ARG A 8 11.32 -11.21 -26.21
N HIS A 9 10.30 -11.61 -25.46
CA HIS A 9 10.57 -12.39 -24.27
C HIS A 9 9.52 -13.48 -24.10
N ARG A 10 9.96 -14.66 -23.66
CA ARG A 10 9.01 -15.79 -23.48
C ARG A 10 9.67 -16.80 -22.54
N GLY A 11 8.91 -17.77 -22.01
CA GLY A 11 9.47 -18.76 -21.09
C GLY A 11 9.21 -18.44 -19.64
N ILE A 12 10.14 -18.82 -18.78
CA ILE A 12 9.96 -18.76 -17.34
C ILE A 12 10.73 -17.58 -16.74
N PHE A 13 9.98 -16.72 -16.06
CA PHE A 13 10.50 -15.50 -15.47
C PHE A 13 10.16 -15.53 -14.03
N PRO A 14 10.94 -16.27 -13.23
CA PRO A 14 10.57 -16.40 -11.81
C PRO A 14 10.85 -15.10 -11.01
N VAL A 15 10.19 -15.00 -9.85
CA VAL A 15 10.33 -13.84 -8.99
C VAL A 15 11.50 -14.11 -8.06
N VAL A 16 12.45 -13.16 -8.05
CA VAL A 16 13.55 -13.24 -7.08
C VAL A 16 13.12 -12.84 -5.71
N PRO A 17 13.33 -13.70 -4.72
CA PRO A 17 13.00 -13.35 -3.33
C PRO A 17 13.97 -12.34 -2.81
N THR A 18 13.53 -11.54 -1.85
CA THR A 18 14.41 -10.67 -1.10
C THR A 18 15.01 -11.42 0.10
N THR A 19 16.34 -11.44 0.16
CA THR A 19 16.99 -12.13 1.27
C THR A 19 17.39 -11.19 2.38
N PHE A 20 16.94 -11.47 3.60
CA PHE A 20 17.34 -10.74 4.80
C PHE A 20 18.30 -11.50 5.65
N ALA A 21 19.04 -10.77 6.48
CA ALA A 21 19.69 -11.37 7.60
C ALA A 21 18.69 -11.81 8.62
N ASP A 22 19.16 -12.62 9.52
CA ASP A 22 18.29 -13.11 10.53
CA ASP A 22 18.40 -13.11 10.66
C ASP A 22 17.66 -11.99 11.36
N THR A 23 18.34 -10.87 11.48
CA THR A 23 17.78 -9.79 12.25
C THR A 23 17.06 -8.73 11.40
N GLY A 24 16.92 -9.00 10.10
CA GLY A 24 16.04 -8.20 9.24
C GLY A 24 16.74 -7.25 8.24
N ASP A 25 18.04 -7.03 8.43
CA ASP A 25 18.81 -6.19 7.51
C ASP A 25 18.82 -6.83 6.08
N LEU A 26 19.00 -6.07 5.02
CA LEU A 26 19.21 -6.71 3.73
C LEU A 26 20.50 -7.57 3.76
N ASP A 27 20.49 -8.77 3.15
CA ASP A 27 21.68 -9.63 3.10
C ASP A 27 22.04 -9.70 1.64
N LEU A 28 22.91 -8.78 1.18
CA LEU A 28 23.10 -8.65 -0.26
C LEU A 28 23.97 -9.79 -0.80
N ALA A 29 24.81 -10.32 0.09
CA ALA A 29 25.64 -11.46 -0.32
C ALA A 29 24.74 -12.66 -0.66
N SER A 30 23.78 -12.95 0.22
CA SER A 30 22.84 -14.03 -0.10
C SER A 30 21.97 -13.62 -1.29
N GLN A 31 21.66 -12.34 -1.41
CA GLN A 31 20.82 -11.95 -2.55
C GLN A 31 21.46 -12.31 -3.86
N LYS A 32 22.77 -12.03 -3.96
CA LYS A 32 23.46 -12.37 -5.21
C LYS A 32 23.49 -13.87 -5.46
N ARG A 33 23.66 -14.63 -4.39
CA ARG A 33 23.69 -16.10 -4.58
C ARG A 33 22.34 -16.63 -5.05
N ALA A 34 21.27 -16.02 -4.51
CA ALA A 34 19.94 -16.46 -4.93
C ALA A 34 19.79 -16.22 -6.42
N VAL A 35 20.24 -15.04 -6.87
CA VAL A 35 20.14 -14.68 -8.26
C VAL A 35 20.92 -15.67 -9.14
N ASP A 36 22.14 -16.00 -8.70
CA ASP A 36 22.99 -16.91 -9.50
C ASP A 36 22.39 -18.32 -9.57
N PHE A 37 21.84 -18.73 -8.46
CA PHE A 37 21.18 -20.06 -8.47
C PHE A 37 20.00 -20.04 -9.49
N MET A 38 19.17 -18.99 -9.45
CA MET A 38 18.05 -18.97 -10.34
C MET A 38 18.45 -18.94 -11.77
N ILE A 39 19.59 -18.28 -12.03
CA ILE A 39 20.04 -18.30 -13.41
C ILE A 39 20.55 -19.70 -13.80
N ASP A 40 21.31 -20.28 -12.88
CA ASP A 40 21.79 -21.65 -13.15
C ASP A 40 20.63 -22.63 -13.27
N ALA A 41 19.49 -22.36 -12.63
CA ALA A 41 18.31 -23.24 -12.78
C ALA A 41 17.66 -23.14 -14.17
N GLY A 42 18.12 -22.19 -14.97
CA GLY A 42 17.68 -22.13 -16.36
C GLY A 42 16.60 -21.09 -16.58
N SER A 43 16.39 -20.20 -15.61
CA SER A 43 15.40 -19.08 -15.81
C SER A 43 15.65 -18.36 -17.11
N ASP A 44 14.59 -18.06 -17.86
CA ASP A 44 14.74 -17.26 -19.07
C ASP A 44 14.94 -15.80 -18.72
N GLY A 45 14.46 -15.40 -17.56
CA GLY A 45 14.58 -13.97 -17.17
C GLY A 45 14.28 -13.94 -15.70
N LEU A 46 14.32 -12.80 -15.09
CA LEU A 46 14.05 -12.72 -13.67
C LEU A 46 13.17 -11.51 -13.38
N CYS A 47 12.24 -11.67 -12.44
CA CYS A 47 11.44 -10.53 -12.02
C CYS A 47 11.83 -10.13 -10.57
N ILE A 48 12.10 -8.84 -10.39
CA ILE A 48 12.52 -8.38 -9.09
C ILE A 48 11.55 -7.34 -8.46
N LEU A 49 11.61 -7.33 -7.14
CA LEU A 49 10.93 -6.39 -6.22
C LEU A 49 9.45 -6.48 -6.36
N ALA A 50 8.98 -7.69 -6.63
CA ALA A 50 7.56 -8.00 -6.73
C ALA A 50 6.98 -8.44 -5.40
N ASN A 51 5.72 -8.84 -5.41
CA ASN A 51 5.14 -9.06 -4.10
C ASN A 51 5.69 -10.38 -3.55
N PHE A 52 6.01 -11.38 -4.40
CA PHE A 52 6.80 -12.54 -3.92
C PHE A 52 8.25 -12.24 -3.50
N SER A 53 8.66 -10.99 -3.71
CA SER A 53 9.97 -10.54 -3.28
C SER A 53 9.76 -9.79 -1.95
N GLU A 54 8.58 -9.86 -1.35
CA GLU A 54 8.33 -9.16 -0.07
C GLU A 54 8.53 -7.63 -0.19
N GLN A 55 8.27 -7.11 -1.38
CA GLN A 55 8.55 -5.69 -1.63
C GLN A 55 7.81 -4.73 -0.67
N PHE A 56 6.66 -5.14 -0.17
CA PHE A 56 5.90 -4.35 0.84
C PHE A 56 6.57 -4.22 2.19
N ALA A 57 7.56 -5.06 2.49
CA ALA A 57 8.26 -4.94 3.77
C ALA A 57 9.55 -4.11 3.71
N ILE A 58 9.87 -3.53 2.54
CA ILE A 58 11.09 -2.77 2.46
C ILE A 58 10.82 -1.26 2.22
N THR A 59 11.87 -0.46 2.30
CA THR A 59 11.76 0.99 2.12
C THR A 59 12.07 1.38 0.69
N ASP A 60 11.82 2.64 0.32
CA ASP A 60 12.22 3.02 -1.03
C ASP A 60 13.76 2.92 -1.26
N ASP A 61 14.51 3.29 -0.24
CA ASP A 61 15.98 3.32 -0.30
C ASP A 61 16.44 1.87 -0.49
N GLU A 62 15.80 0.95 0.25
CA GLU A 62 16.17 -0.51 0.04
C GLU A 62 15.84 -1.00 -1.36
N ARG A 63 14.70 -0.58 -1.87
CA ARG A 63 14.28 -0.92 -3.22
CA ARG A 63 14.28 -0.92 -3.23
C ARG A 63 15.33 -0.50 -4.25
N ASP A 64 15.85 0.72 -4.09
CA ASP A 64 16.84 1.23 -5.03
C ASP A 64 18.14 0.46 -4.91
N VAL A 65 18.56 0.23 -3.68
CA VAL A 65 19.77 -0.60 -3.45
C VAL A 65 19.63 -1.96 -4.12
N LEU A 66 18.49 -2.62 -3.90
CA LEU A 66 18.33 -3.97 -4.50
C LEU A 66 18.25 -3.90 -6.02
N THR A 67 17.62 -2.85 -6.56
CA THR A 67 17.54 -2.75 -8.01
C THR A 67 18.95 -2.65 -8.67
N ARG A 68 19.76 -1.76 -8.10
CA ARG A 68 21.16 -1.54 -8.55
CA ARG A 68 21.14 -1.57 -8.61
C ARG A 68 21.97 -2.83 -8.41
N THR A 69 21.96 -3.36 -7.20
CA THR A 69 22.77 -4.55 -6.89
C THR A 69 22.42 -5.72 -7.79
N ILE A 70 21.13 -6.00 -7.92
CA ILE A 70 20.74 -7.19 -8.70
C ILE A 70 21.03 -7.03 -10.16
N LEU A 71 20.73 -5.86 -10.72
CA LEU A 71 20.96 -5.66 -12.16
C LEU A 71 22.45 -5.80 -12.43
N GLU A 72 23.22 -5.22 -11.55
CA GLU A 72 24.72 -5.31 -11.76
C GLU A 72 25.12 -6.78 -11.68
N HIS A 73 24.58 -7.50 -10.73
CA HIS A 73 25.10 -8.88 -10.58
C HIS A 73 24.66 -9.76 -11.75
N VAL A 74 23.45 -9.51 -12.28
CA VAL A 74 22.94 -10.32 -13.38
C VAL A 74 23.85 -10.12 -14.60
N ALA A 75 24.42 -8.91 -14.72
CA ALA A 75 25.50 -8.72 -15.69
C ALA A 75 25.00 -9.02 -17.11
N GLY A 76 23.74 -8.69 -17.41
CA GLY A 76 23.31 -8.87 -18.80
C GLY A 76 23.08 -10.33 -19.20
N ARG A 77 23.16 -11.23 -18.23
CA ARG A 77 23.11 -12.64 -18.60
C ARG A 77 21.69 -13.07 -19.00
N VAL A 78 20.69 -12.55 -18.29
CA VAL A 78 19.29 -12.84 -18.70
C VAL A 78 18.55 -11.53 -18.49
N PRO A 79 17.46 -11.34 -19.21
CA PRO A 79 16.72 -10.08 -19.02
C PRO A 79 16.09 -9.95 -17.65
N VAL A 80 16.03 -8.73 -17.12
CA VAL A 80 15.39 -8.52 -15.82
C VAL A 80 14.16 -7.62 -15.94
N ILE A 81 13.07 -8.04 -15.26
CA ILE A 81 11.86 -7.23 -15.16
C ILE A 81 11.88 -6.60 -13.81
N VAL A 82 11.86 -5.24 -13.76
CA VAL A 82 11.92 -4.60 -12.47
C VAL A 82 10.51 -4.10 -12.14
N THR A 83 10.06 -4.45 -10.95
CA THR A 83 8.71 -4.02 -10.53
C THR A 83 8.77 -2.61 -10.00
N THR A 84 7.92 -1.74 -10.58
CA THR A 84 8.02 -0.28 -10.33
C THR A 84 6.74 0.32 -9.81
N SER A 85 5.84 -0.57 -9.37
CA SER A 85 4.49 -0.16 -8.89
C SER A 85 4.55 0.98 -7.88
N HIS A 86 3.72 1.99 -8.13
CA HIS A 86 3.49 3.02 -7.11
C HIS A 86 2.12 3.66 -7.46
N TYR A 87 1.38 4.12 -6.46
CA TYR A 87 0.12 4.88 -6.76
C TYR A 87 0.40 6.10 -7.61
N SER A 88 1.39 6.94 -7.24
CA SER A 88 1.73 8.07 -8.11
C SER A 88 2.26 7.72 -9.54
N THR A 89 1.61 8.25 -10.58
CA THR A 89 2.14 8.11 -11.96
C THR A 89 3.57 8.62 -12.06
N GLN A 90 3.84 9.81 -11.50
CA GLN A 90 5.13 10.41 -11.72
C GLN A 90 6.19 9.57 -11.00
N VAL A 91 5.82 9.05 -9.84
CA VAL A 91 6.77 8.22 -9.09
C VAL A 91 7.04 6.90 -9.87
N CYS A 92 5.98 6.25 -10.35
CA CYS A 92 6.18 5.01 -11.11
C CYS A 92 6.99 5.25 -12.38
N ALA A 93 6.66 6.33 -13.09
CA ALA A 93 7.46 6.74 -14.23
C ALA A 93 8.93 6.89 -13.87
N ALA A 94 9.21 7.61 -12.78
CA ALA A 94 10.66 7.89 -12.40
C ALA A 94 11.39 6.61 -12.07
N ARG A 95 10.75 5.73 -11.26
CA ARG A 95 11.31 4.37 -10.97
C ARG A 95 11.58 3.59 -12.28
N SER A 96 10.63 3.64 -13.19
CA SER A 96 10.71 2.92 -14.45
C SER A 96 11.83 3.45 -15.32
N LEU A 97 12.00 4.80 -15.39
CA LEU A 97 13.11 5.35 -16.10
C LEU A 97 14.45 4.95 -15.45
N ARG A 98 14.53 5.02 -14.14
CA ARG A 98 15.75 4.62 -13.52
C ARG A 98 16.09 3.17 -13.78
N ALA A 99 15.08 2.30 -13.72
CA ALA A 99 15.33 0.92 -14.05
C ALA A 99 15.86 0.74 -15.44
N GLN A 100 15.30 1.46 -16.41
CA GLN A 100 15.80 1.37 -17.78
C GLN A 100 17.30 1.83 -17.85
N GLN A 101 17.61 2.88 -17.10
CA GLN A 101 19.01 3.45 -17.09
C GLN A 101 20.02 2.41 -16.60
N LEU A 102 19.57 1.60 -15.65
CA LEU A 102 20.41 0.59 -15.03
C LEU A 102 20.44 -0.72 -15.81
N GLY A 103 19.73 -0.82 -16.94
CA GLY A 103 19.74 -2.03 -17.78
C GLY A 103 18.53 -3.02 -17.77
N ALA A 104 17.44 -2.59 -17.12
CA ALA A 104 16.24 -3.40 -17.09
C ALA A 104 15.73 -3.63 -18.48
N ALA A 105 15.21 -4.85 -18.73
CA ALA A 105 14.64 -5.17 -20.02
C ALA A 105 13.16 -4.78 -20.06
N MET A 106 12.57 -4.55 -18.88
CA MET A 106 11.11 -4.39 -18.83
C MET A 106 10.78 -3.91 -17.44
N VAL A 107 9.63 -3.22 -17.28
CA VAL A 107 9.13 -2.96 -15.96
C VAL A 107 7.76 -3.61 -15.80
N MET A 108 7.42 -3.88 -14.56
CA MET A 108 6.08 -4.37 -14.27
C MET A 108 5.41 -3.49 -13.27
N ALA A 109 4.14 -3.15 -13.53
CA ALA A 109 3.41 -2.38 -12.53
C ALA A 109 2.01 -2.89 -12.42
N MET A 110 1.58 -3.05 -11.17
CA MET A 110 0.17 -3.11 -10.85
C MET A 110 -0.49 -1.79 -11.24
N PRO A 111 -1.82 -1.81 -11.40
CA PRO A 111 -2.49 -0.52 -11.58
C PRO A 111 -2.39 0.24 -10.25
N PRO A 112 -2.50 1.59 -10.34
CA PRO A 112 -2.42 2.41 -9.18
C PRO A 112 -3.57 2.06 -8.24
N TYR A 113 -3.30 1.88 -6.95
CA TYR A 113 -4.32 1.65 -5.94
C TYR A 113 -3.63 1.82 -4.63
N HIS A 114 -4.40 1.90 -3.57
CA HIS A 114 -3.76 1.79 -2.24
C HIS A 114 -4.61 1.09 -1.25
N GLY A 115 -4.03 0.14 -0.54
CA GLY A 115 -4.83 -0.61 0.39
C GLY A 115 -6.08 -1.29 -0.18
N ALA A 116 -7.06 -1.51 0.69
CA ALA A 116 -8.36 -2.15 0.28
C ALA A 116 -9.40 -1.16 -0.27
N THR A 117 -9.08 0.11 -0.19
CA THR A 117 -10.11 1.07 -0.49
C THR A 117 -9.84 2.16 -1.52
N PHE A 118 -8.58 2.48 -1.78
CA PHE A 118 -8.30 3.60 -2.68
C PHE A 118 -8.13 3.02 -4.08
N ARG A 119 -9.08 3.28 -4.98
CA ARG A 119 -8.93 2.87 -6.37
CA ARG A 119 -8.95 2.86 -6.37
C ARG A 119 -9.03 4.05 -7.28
N VAL A 120 -8.75 3.79 -8.55
CA VAL A 120 -8.67 4.79 -9.55
C VAL A 120 -9.58 4.36 -10.72
N PRO A 121 -10.38 5.27 -11.28
CA PRO A 121 -11.27 4.86 -12.37
C PRO A 121 -10.45 4.45 -13.60
N GLU A 122 -11.06 3.64 -14.47
CA GLU A 122 -10.34 3.08 -15.61
C GLU A 122 -9.70 4.11 -16.49
N ALA A 123 -10.40 5.22 -16.73
CA ALA A 123 -9.80 6.28 -17.57
C ALA A 123 -8.48 6.79 -17.03
N GLN A 124 -8.38 6.89 -15.68
CA GLN A 124 -7.18 7.36 -15.00
CA GLN A 124 -7.13 7.38 -15.09
C GLN A 124 -6.05 6.30 -15.02
N ILE A 125 -6.46 5.05 -14.91
CA ILE A 125 -5.51 3.91 -15.05
C ILE A 125 -4.91 3.91 -16.44
N PHE A 126 -5.74 4.08 -17.44
CA PHE A 126 -5.21 4.15 -18.79
C PHE A 126 -4.17 5.28 -18.90
N GLU A 127 -4.50 6.46 -18.36
CA GLU A 127 -3.58 7.59 -18.37
C GLU A 127 -2.27 7.28 -17.58
N PHE A 128 -2.44 6.67 -16.40
CA PHE A 128 -1.27 6.20 -15.64
C PHE A 128 -0.30 5.40 -16.56
N TYR A 129 -0.78 4.38 -17.28
CA TYR A 129 0.15 3.58 -18.09
C TYR A 129 0.66 4.33 -19.31
N ALA A 130 -0.19 5.13 -19.90
CA ALA A 130 0.22 5.96 -21.03
C ALA A 130 1.38 6.89 -20.72
N ARG A 131 1.38 7.50 -19.52
CA ARG A 131 2.43 8.43 -19.14
C ARG A 131 3.69 7.70 -18.73
N VAL A 132 3.53 6.52 -18.10
CA VAL A 132 4.72 5.71 -17.84
C VAL A 132 5.36 5.27 -19.17
N SER A 133 4.55 4.82 -20.11
CA SER A 133 5.06 4.42 -21.43
C SER A 133 5.77 5.59 -22.12
N ASP A 134 5.15 6.77 -22.02
CA ASP A 134 5.74 7.97 -22.58
C ASP A 134 7.13 8.24 -22.03
N ALA A 135 7.36 7.89 -20.77
CA ALA A 135 8.64 8.13 -20.11
C ALA A 135 9.77 7.21 -20.53
N ILE A 136 9.45 6.01 -21.00
CA ILE A 136 10.49 5.00 -21.11
C ILE A 136 10.49 4.43 -22.50
N ALA A 137 11.47 3.57 -22.79
CA ALA A 137 11.68 2.98 -24.09
C ALA A 137 11.76 1.45 -23.98
N ILE A 138 11.49 0.94 -22.78
CA ILE A 138 11.43 -0.53 -22.62
C ILE A 138 9.97 -0.92 -22.36
N PRO A 139 9.63 -2.20 -22.62
CA PRO A 139 8.23 -2.56 -22.43
C PRO A 139 7.69 -2.57 -20.99
N ILE A 140 6.36 -2.49 -20.88
CA ILE A 140 5.68 -2.55 -19.59
C ILE A 140 4.89 -3.84 -19.56
N MET A 141 4.97 -4.46 -18.39
CA MET A 141 4.04 -5.52 -18.03
C MET A 141 3.04 -5.03 -17.03
N VAL A 142 1.75 -5.22 -17.40
CA VAL A 142 0.66 -4.98 -16.46
C VAL A 142 0.44 -6.18 -15.56
N GLN A 143 0.43 -5.93 -14.24
CA GLN A 143 0.25 -7.00 -13.30
C GLN A 143 -1.23 -6.99 -12.94
N ASP A 144 -1.93 -8.11 -13.19
CA ASP A 144 -3.41 -8.24 -12.99
C ASP A 144 -3.57 -9.25 -11.89
N ALA A 145 -3.66 -8.79 -10.63
CA ALA A 145 -3.61 -9.71 -9.49
C ALA A 145 -4.58 -9.24 -8.43
N PRO A 146 -5.06 -10.15 -7.56
CA PRO A 146 -6.01 -9.84 -6.47
C PRO A 146 -5.57 -8.72 -5.55
N ALA A 147 -4.26 -8.56 -5.35
CA ALA A 147 -3.77 -7.60 -4.37
C ALA A 147 -4.16 -6.14 -4.66
N SER A 148 -4.35 -5.78 -5.92
CA SER A 148 -4.75 -4.40 -6.20
C SER A 148 -6.23 -4.10 -5.96
N GLY A 149 -7.03 -5.17 -5.80
CA GLY A 149 -8.49 -5.05 -5.73
C GLY A 149 -9.13 -4.29 -6.86
N THR A 150 -8.48 -4.28 -8.03
CA THR A 150 -8.82 -3.39 -9.12
C THR A 150 -9.12 -4.28 -10.30
N ALA A 151 -10.29 -4.08 -10.90
CA ALA A 151 -10.69 -4.92 -12.04
C ALA A 151 -10.09 -4.41 -13.33
N LEU A 152 -9.36 -5.28 -14.05
CA LEU A 152 -8.85 -4.89 -15.35
C LEU A 152 -9.43 -5.87 -16.37
N SER A 153 -10.45 -5.46 -17.10
CA SER A 153 -11.12 -6.39 -17.96
C SER A 153 -10.21 -6.77 -19.13
N ALA A 154 -10.50 -7.92 -19.76
CA ALA A 154 -9.73 -8.31 -20.94
C ALA A 154 -9.88 -7.28 -22.04
N PRO A 155 -11.09 -6.73 -22.21
CA PRO A 155 -11.10 -5.68 -23.23
C PRO A 155 -10.27 -4.43 -22.96
N PHE A 156 -10.22 -4.04 -21.68
CA PHE A 156 -9.49 -2.88 -21.24
C PHE A 156 -7.98 -3.11 -21.36
N LEU A 157 -7.51 -4.28 -20.89
CA LEU A 157 -6.09 -4.66 -21.12
C LEU A 157 -5.69 -4.66 -22.59
N ALA A 158 -6.52 -5.25 -23.43
CA ALA A 158 -6.22 -5.25 -24.85
C ALA A 158 -6.25 -3.86 -25.39
N ARG A 159 -7.15 -3.01 -24.89
CA ARG A 159 -7.13 -1.68 -25.46
C ARG A 159 -5.83 -0.93 -25.07
N MET A 160 -5.37 -1.10 -23.82
CA MET A 160 -4.09 -0.45 -23.51
C MET A 160 -3.01 -1.00 -24.39
N ALA A 161 -3.03 -2.33 -24.59
CA ALA A 161 -1.93 -2.94 -25.40
C ALA A 161 -1.90 -2.31 -26.79
N ARG A 162 -3.08 -2.19 -27.41
CA ARG A 162 -3.13 -1.66 -28.76
C ARG A 162 -2.80 -0.18 -28.81
N GLU A 163 -3.18 0.55 -27.77
CA GLU A 163 -3.13 2.00 -27.85
C GLU A 163 -1.89 2.63 -27.20
N ILE A 164 -1.20 1.90 -26.32
CA ILE A 164 -0.13 2.50 -25.59
C ILE A 164 1.10 1.74 -25.96
N GLU A 165 2.09 2.45 -26.48
CA GLU A 165 3.24 1.81 -27.11
C GLU A 165 3.93 0.70 -26.28
N GLN A 166 4.37 1.06 -25.06
CA GLN A 166 5.15 0.11 -24.28
C GLN A 166 4.29 -0.93 -23.56
N VAL A 167 2.97 -0.73 -23.44
CA VAL A 167 2.19 -1.76 -22.77
C VAL A 167 2.17 -3.00 -23.69
N ALA A 168 2.74 -4.13 -23.27
CA ALA A 168 2.87 -5.24 -24.24
C ALA A 168 2.89 -6.63 -23.56
N TYR A 169 3.11 -6.63 -22.25
CA TYR A 169 3.13 -7.84 -21.44
C TYR A 169 2.10 -7.83 -20.31
N PHE A 170 1.69 -9.03 -19.86
CA PHE A 170 0.64 -9.09 -18.83
C PHE A 170 0.92 -10.24 -17.87
N KPI A 171 0.86 -10.03 -16.56
CA KPI A 171 0.99 -11.18 -15.66
CB KPI A 171 1.77 -10.81 -14.43
CG KPI A 171 2.10 -11.99 -13.51
CD KPI A 171 2.64 -11.43 -12.18
CE KPI A 171 3.18 -12.56 -11.42
NZ KPI A 171 3.48 -12.33 -10.00
CX1 KPI A 171 4.31 -11.64 -9.32
C1 KPI A 171 5.26 -10.81 -10.15
CX2 KPI A 171 4.31 -11.65 -7.75
O1 KPI A 171 3.56 -12.36 -7.06
O2 KPI A 171 5.12 -10.98 -7.18
C KPI A 171 -0.53 -11.42 -15.22
O KPI A 171 -1.05 -10.61 -14.44
N ILE A 172 -1.22 -12.44 -15.76
CA ILE A 172 -2.68 -12.60 -15.44
C ILE A 172 -2.81 -13.55 -14.31
N GLU A 173 -3.17 -13.05 -13.13
CA GLU A 173 -3.25 -13.87 -11.92
C GLU A 173 -4.56 -13.79 -11.18
N THR A 174 -5.53 -13.19 -11.82
CA THR A 174 -6.87 -13.23 -11.24
C THR A 174 -7.58 -14.59 -11.56
N PRO A 175 -8.65 -14.92 -10.80
CA PRO A 175 -9.29 -16.23 -10.97
C PRO A 175 -9.73 -16.44 -12.40
N GLY A 176 -9.63 -17.66 -12.89
CA GLY A 176 -10.04 -17.86 -14.28
C GLY A 176 -9.08 -17.30 -15.32
N ALA A 177 -7.81 -17.35 -14.95
CA ALA A 177 -6.75 -16.76 -15.80
C ALA A 177 -6.80 -17.34 -17.22
N ALA A 178 -7.01 -18.66 -17.35
CA ALA A 178 -6.94 -19.25 -18.67
C ALA A 178 -8.00 -18.62 -19.61
N ASN A 179 -9.23 -18.51 -19.12
CA ASN A 179 -10.30 -17.89 -19.97
C ASN A 179 -9.92 -16.44 -20.30
N LYS A 180 -9.39 -15.74 -19.30
CA LYS A 180 -9.06 -14.32 -19.50
C LYS A 180 -7.89 -14.19 -20.49
N LEU A 181 -6.87 -15.03 -20.34
CA LEU A 181 -5.79 -15.02 -21.35
C LEU A 181 -6.32 -15.24 -22.77
N ARG A 182 -7.23 -16.20 -22.93
CA ARG A 182 -7.64 -16.51 -24.29
C ARG A 182 -8.31 -15.27 -24.91
N GLU A 183 -9.08 -14.59 -24.09
CA GLU A 183 -9.81 -13.43 -24.58
C GLU A 183 -8.85 -12.28 -24.80
N LEU A 184 -7.88 -12.14 -23.90
CA LEU A 184 -6.92 -11.06 -24.06
C LEU A 184 -6.22 -11.21 -25.42
N ILE A 185 -5.85 -12.44 -25.73
CA ILE A 185 -5.07 -12.67 -26.95
C ILE A 185 -5.98 -12.44 -28.14
N ARG A 186 -7.21 -12.89 -28.03
CA ARG A 186 -8.16 -12.74 -29.16
C ARG A 186 -8.40 -11.25 -29.43
N LEU A 187 -8.64 -10.49 -28.38
CA LEU A 187 -8.84 -9.06 -28.56
C LEU A 187 -7.61 -8.20 -28.88
N GLY A 188 -6.44 -8.60 -28.42
CA GLY A 188 -5.36 -7.67 -28.53
C GLY A 188 -4.51 -8.01 -29.74
N GLY A 189 -4.65 -9.21 -30.24
CA GLY A 189 -3.87 -9.58 -31.42
C GLY A 189 -2.36 -9.35 -31.24
N ASP A 190 -1.72 -8.76 -32.23
CA ASP A 190 -0.25 -8.64 -32.25
C ASP A 190 0.32 -7.77 -31.14
N ALA A 191 -0.53 -6.93 -30.58
CA ALA A 191 -0.09 -6.01 -29.54
C ALA A 191 0.21 -6.76 -28.22
N ILE A 192 -0.35 -7.96 -28.06
CA ILE A 192 -0.10 -8.72 -26.83
C ILE A 192 1.15 -9.50 -27.05
N GLU A 193 2.26 -8.97 -26.57
CA GLU A 193 3.53 -9.63 -26.84
C GLU A 193 3.73 -10.78 -25.86
N GLY A 194 3.20 -10.62 -24.65
CA GLY A 194 3.51 -11.52 -23.55
C GLY A 194 2.28 -11.82 -22.75
N PRO A 195 1.47 -12.76 -23.24
CA PRO A 195 0.35 -13.18 -22.39
C PRO A 195 0.85 -14.21 -21.42
N TRP A 196 1.14 -13.80 -20.18
CA TRP A 196 1.78 -14.71 -19.20
C TRP A 196 0.93 -14.98 -17.97
N ASP A 197 1.19 -16.07 -17.27
CA ASP A 197 0.52 -16.32 -16.02
C ASP A 197 1.47 -16.18 -14.85
N GLY A 198 0.95 -16.50 -13.68
CA GLY A 198 1.64 -16.31 -12.41
C GLY A 198 1.16 -17.35 -11.43
N GLU A 199 0.82 -16.90 -10.21
CA GLU A 199 0.36 -17.82 -9.17
C GLU A 199 1.23 -19.06 -9.02
N GLU A 200 2.53 -18.88 -9.13
CA GLU A 200 3.46 -19.99 -8.87
C GLU A 200 3.34 -21.21 -9.78
N ALA A 201 2.65 -21.04 -10.94
CA ALA A 201 2.45 -21.97 -12.00
C ALA A 201 1.28 -22.94 -11.64
N ILE A 202 0.50 -22.60 -10.63
CA ILE A 202 -0.59 -23.51 -10.21
C ILE A 202 -1.53 -23.89 -11.35
N THR A 203 -1.80 -22.94 -12.27
CA THR A 203 -2.74 -23.20 -13.37
C THR A 203 -2.02 -23.25 -14.68
N LEU A 204 -0.72 -23.53 -14.59
CA LEU A 204 0.10 -23.45 -15.80
C LEU A 204 -0.41 -24.26 -17.01
N LEU A 205 -0.77 -25.54 -16.79
CA LEU A 205 -1.13 -26.39 -17.96
C LEU A 205 -2.40 -25.85 -18.63
N ALA A 206 -3.37 -25.45 -17.82
CA ALA A 206 -4.58 -24.85 -18.42
C ALA A 206 -4.23 -23.55 -19.16
N ASP A 207 -3.32 -22.78 -18.57
CA ASP A 207 -3.02 -21.43 -19.15
C ASP A 207 -2.25 -21.59 -20.47
N LEU A 208 -1.40 -22.64 -20.55
CA LEU A 208 -0.73 -22.96 -21.81
C LEU A 208 -1.77 -23.31 -22.87
N HIS A 209 -2.78 -24.08 -22.47
CA HIS A 209 -3.83 -24.42 -23.48
C HIS A 209 -4.52 -23.16 -24.00
N ALA A 210 -4.61 -22.16 -23.14
CA ALA A 210 -5.28 -20.88 -23.47
C ALA A 210 -4.41 -19.96 -24.31
N GLY A 211 -3.10 -20.33 -24.47
CA GLY A 211 -2.09 -19.59 -25.27
C GLY A 211 -1.01 -18.79 -24.50
N ALA A 212 -0.90 -19.01 -23.21
CA ALA A 212 0.16 -18.33 -22.45
C ALA A 212 1.52 -18.68 -23.09
N THR A 213 2.45 -17.72 -23.08
CA THR A 213 3.76 -17.98 -23.68
C THR A 213 4.83 -17.75 -22.61
N GLY A 214 4.44 -17.48 -21.39
CA GLY A 214 5.45 -17.29 -20.35
C GLY A 214 4.76 -17.41 -18.99
N ALA A 215 5.58 -17.65 -18.00
CA ALA A 215 5.12 -18.00 -16.67
C ALA A 215 6.00 -17.33 -15.60
N MET A 216 5.39 -16.59 -14.69
CA MET A 216 6.16 -15.99 -13.63
C MET A 216 5.96 -16.72 -12.36
N THR A 217 6.97 -17.49 -11.93
CA THR A 217 6.76 -18.50 -10.90
C THR A 217 7.45 -18.15 -9.64
N GLY A 218 7.41 -19.01 -8.67
CA GLY A 218 8.27 -18.79 -7.54
C GLY A 218 9.75 -19.08 -8.03
N GLY A 219 10.64 -18.69 -7.16
CA GLY A 219 12.08 -18.70 -7.47
C GLY A 219 12.76 -19.99 -6.97
N GLY A 220 12.04 -20.88 -6.27
CA GLY A 220 12.67 -22.08 -5.66
C GLY A 220 13.03 -23.21 -6.65
N PHE A 221 12.28 -23.37 -7.73
CA PHE A 221 12.46 -24.53 -8.59
C PHE A 221 12.04 -24.23 -10.02
N PRO A 222 12.58 -23.11 -10.57
CA PRO A 222 12.26 -22.93 -11.99
C PRO A 222 12.74 -24.06 -12.92
N ASP A 223 13.74 -24.78 -12.45
CA ASP A 223 14.24 -25.94 -13.22
C ASP A 223 13.20 -27.06 -13.32
N GLY A 224 12.32 -27.13 -12.34
CA GLY A 224 11.28 -28.14 -12.40
C GLY A 224 10.17 -27.70 -13.33
N ILE A 225 9.86 -26.38 -13.42
CA ILE A 225 8.68 -25.95 -14.14
C ILE A 225 8.99 -25.68 -15.64
N ARG A 226 10.19 -25.14 -15.90
CA ARG A 226 10.48 -24.77 -17.28
C ARG A 226 10.31 -25.87 -18.29
N PRO A 227 10.68 -27.11 -17.93
CA PRO A 227 10.44 -28.15 -18.98
C PRO A 227 8.97 -28.34 -19.35
N ILE A 228 8.06 -27.94 -18.44
CA ILE A 228 6.65 -27.99 -18.84
C ILE A 228 6.39 -27.02 -20.02
N LEU A 229 6.92 -25.80 -19.94
CA LEU A 229 6.74 -24.89 -21.04
C LEU A 229 7.47 -25.37 -22.29
N GLU A 230 8.65 -25.95 -22.09
CA GLU A 230 9.38 -26.44 -23.27
C GLU A 230 8.63 -27.56 -24.01
N ALA A 231 8.05 -28.49 -23.24
CA ALA A 231 7.34 -29.60 -23.81
C ALA A 231 6.12 -29.05 -24.60
N TRP A 232 5.50 -28.03 -24.00
CA TRP A 232 4.34 -27.41 -24.59
C TRP A 232 4.77 -26.77 -25.94
N ARG A 233 5.88 -26.03 -25.92
CA ARG A 233 6.35 -25.38 -27.13
C ARG A 233 6.64 -26.38 -28.26
N GLU A 234 7.19 -27.53 -27.88
CA GLU A 234 7.47 -28.65 -28.81
C GLU A 234 6.23 -29.32 -29.36
N GLY A 235 5.04 -28.99 -28.81
CA GLY A 235 3.81 -29.61 -29.26
C GLY A 235 3.54 -30.95 -28.61
N ARG A 236 4.15 -31.19 -27.45
CA ARG A 236 4.04 -32.52 -26.80
C ARG A 236 3.15 -32.35 -25.57
N HIS A 237 1.84 -32.23 -25.78
CA HIS A 237 0.99 -31.84 -24.65
C HIS A 237 0.92 -32.96 -23.66
N ASP A 238 1.06 -34.22 -24.09
CA ASP A 238 1.01 -35.31 -23.11
CA ASP A 238 1.04 -35.33 -23.12
C ASP A 238 2.26 -35.30 -22.20
N ASP A 239 3.38 -34.92 -22.78
CA ASP A 239 4.63 -34.92 -22.02
C ASP A 239 4.55 -33.73 -21.06
N ALA A 240 3.94 -32.66 -21.54
CA ALA A 240 3.69 -31.49 -20.61
C ALA A 240 2.85 -31.92 -19.40
N TYR A 241 1.79 -32.69 -19.67
CA TYR A 241 0.95 -33.16 -18.58
C TYR A 241 1.76 -33.95 -17.58
N ALA A 242 2.55 -34.93 -18.09
CA ALA A 242 3.32 -35.76 -17.19
C ALA A 242 4.28 -34.98 -16.31
N ARG A 243 4.94 -33.98 -16.91
CA ARG A 243 5.84 -33.08 -16.15
C ARG A 243 5.13 -32.21 -15.14
N TYR A 244 4.01 -31.70 -15.57
CA TYR A 244 3.15 -30.90 -14.63
C TYR A 244 2.65 -31.76 -13.45
N GLN A 245 2.24 -32.99 -13.76
CA GLN A 245 1.76 -33.89 -12.71
C GLN A 245 2.84 -34.12 -11.73
N ALA A 246 4.08 -34.28 -12.21
CA ALA A 246 5.10 -34.65 -11.21
C ALA A 246 5.38 -33.56 -10.19
N TRP A 247 5.42 -32.34 -10.72
CA TRP A 247 5.78 -31.18 -9.92
C TRP A 247 4.57 -30.49 -9.27
N LEU A 248 3.38 -30.80 -9.74
CA LEU A 248 2.20 -30.14 -9.13
C LEU A 248 2.07 -30.14 -7.57
N PRO A 249 2.37 -31.23 -6.88
CA PRO A 249 2.25 -31.12 -5.43
C PRO A 249 3.15 -30.08 -4.83
N LEU A 250 4.37 -29.90 -5.40
CA LEU A 250 5.24 -28.87 -4.90
C LEU A 250 4.71 -27.47 -5.22
N ILE A 251 4.23 -27.28 -6.44
CA ILE A 251 3.67 -26.02 -6.87
C ILE A 251 2.41 -25.75 -5.98
N ASN A 252 1.64 -26.81 -5.72
CA ASN A 252 0.44 -26.63 -4.88
C ASN A 252 0.78 -26.30 -3.43
N HIS A 253 1.83 -26.90 -2.88
CA HIS A 253 2.13 -26.61 -1.50
C HIS A 253 2.65 -25.15 -1.39
N GLU A 254 3.35 -24.72 -2.43
CA GLU A 254 3.85 -23.32 -2.42
C GLU A 254 2.62 -22.38 -2.47
N ASN A 255 1.73 -22.65 -3.43
CA ASN A 255 0.54 -21.82 -3.62
C ASN A 255 -0.40 -21.75 -2.38
N ARG A 256 -0.58 -22.88 -1.69
CA ARG A 256 -1.62 -23.01 -0.67
C ARG A 256 -1.14 -23.04 0.72
N GLN A 257 0.13 -23.43 0.94
CA GLN A 257 0.62 -23.63 2.28
C GLN A 257 1.77 -22.73 2.67
N SER A 258 2.88 -22.82 1.93
CA SER A 258 4.08 -22.13 2.41
C SER A 258 4.20 -20.72 1.78
N GLY A 259 3.58 -20.48 0.62
CA GLY A 259 3.52 -19.14 0.01
C GLY A 259 4.85 -18.50 -0.31
N ILE A 260 4.95 -17.19 -0.06
CA ILE A 260 6.13 -16.39 -0.38
C ILE A 260 7.43 -17.01 0.10
N LEU A 261 7.46 -17.46 1.35
CA LEU A 261 8.70 -17.96 1.94
C LEU A 261 9.20 -19.32 1.34
N THR A 262 8.39 -19.89 0.48
CA THR A 262 8.67 -21.24 -0.11
C THR A 262 10.10 -21.23 -0.72
N ALA A 263 10.33 -20.32 -1.65
CA ALA A 263 11.63 -20.19 -2.33
C ALA A 263 12.73 -20.00 -1.31
N LYS A 264 12.49 -19.21 -0.26
CA LYS A 264 13.57 -18.93 0.72
C LYS A 264 13.89 -20.14 1.63
N ALA A 265 12.85 -20.84 2.02
CA ALA A 265 13.04 -22.05 2.82
C ALA A 265 13.91 -23.05 2.02
N LEU A 266 13.55 -23.28 0.76
CA LEU A 266 14.31 -24.24 -0.06
C LEU A 266 15.77 -23.72 -0.31
N MET A 267 15.93 -22.43 -0.53
CA MET A 267 17.30 -21.92 -0.68
C MET A 267 18.08 -22.00 0.56
N ARG A 268 17.46 -21.77 1.72
CA ARG A 268 18.23 -21.85 2.94
C ARG A 268 18.63 -23.30 3.17
N GLU A 269 17.66 -24.18 3.01
CA GLU A 269 17.98 -25.65 3.19
C GLU A 269 19.19 -26.05 2.31
N GLY A 270 19.17 -25.58 1.08
CA GLY A 270 20.23 -25.89 0.08
C GLY A 270 21.56 -25.14 0.29
N GLY A 271 21.63 -24.28 1.30
CA GLY A 271 22.82 -23.45 1.58
C GLY A 271 23.04 -22.34 0.53
N VAL A 272 22.00 -22.05 -0.28
CA VAL A 272 22.05 -20.91 -1.22
C VAL A 272 22.00 -19.55 -0.47
N ILE A 273 21.11 -19.42 0.50
CA ILE A 273 21.11 -18.17 1.28
C ILE A 273 21.29 -18.44 2.75
N ALA A 274 21.66 -17.39 3.49
CA ALA A 274 21.99 -17.49 4.89
C ALA A 274 20.79 -17.60 5.81
N SER A 275 19.67 -16.94 5.45
CA SER A 275 18.51 -16.90 6.36
C SER A 275 17.24 -16.96 5.53
N GLU A 276 16.28 -17.76 5.97
CA GLU A 276 15.02 -17.82 5.24
C GLU A 276 13.95 -16.92 5.86
N ARG A 277 14.33 -16.07 6.82
CA ARG A 277 13.30 -15.30 7.55
C ARG A 277 12.65 -14.19 6.70
N PRO A 278 11.38 -13.92 6.98
CA PRO A 278 10.76 -12.70 6.47
C PRO A 278 11.16 -11.60 7.39
N ARG A 279 10.68 -10.38 7.09
CA ARG A 279 10.73 -9.37 8.18
C ARG A 279 9.46 -9.43 9.06
N HIS A 280 9.63 -9.30 10.37
CA HIS A 280 8.46 -9.19 11.26
C HIS A 280 7.65 -7.96 10.74
N PRO A 281 6.30 -8.06 10.72
CA PRO A 281 5.46 -9.09 11.39
C PRO A 281 4.99 -10.21 10.46
N MET A 282 5.55 -10.36 9.26
CA MET A 282 5.14 -11.50 8.42
C MET A 282 5.50 -12.76 9.17
N PRO A 283 4.56 -13.70 9.25
CA PRO A 283 4.86 -14.81 10.17
C PRO A 283 5.83 -15.84 9.53
N GLU A 284 6.51 -16.56 10.40
CA GLU A 284 7.46 -17.59 9.95
C GLU A 284 6.65 -18.76 9.47
N LEU A 285 7.20 -19.63 8.61
CA LEU A 285 6.47 -20.85 8.22
C LEU A 285 6.22 -21.71 9.47
N HIS A 286 5.03 -22.31 9.58
CA HIS A 286 4.80 -23.24 10.68
C HIS A 286 5.67 -24.48 10.46
N PRO A 287 6.11 -25.12 11.53
CA PRO A 287 7.06 -26.24 11.35
C PRO A 287 6.54 -27.38 10.49
N ASP A 288 5.27 -27.85 10.63
CA ASP A 288 4.86 -28.98 9.78
C ASP A 288 4.72 -28.51 8.35
N THR A 289 4.23 -27.28 8.15
CA THR A 289 4.29 -26.74 6.81
C THR A 289 5.69 -26.78 6.14
N ARG A 290 6.71 -26.36 6.85
CA ARG A 290 8.05 -26.36 6.24
CA ARG A 290 8.07 -26.36 6.26
C ARG A 290 8.60 -27.78 6.02
N ALA A 291 8.39 -28.64 6.99
CA ALA A 291 8.84 -30.06 6.92
C ALA A 291 8.17 -30.74 5.74
N GLU A 292 6.88 -30.50 5.54
CA GLU A 292 6.15 -31.03 4.37
C GLU A 292 6.65 -30.53 3.06
N LEU A 293 7.05 -29.25 3.06
CA LEU A 293 7.56 -28.69 1.84
C LEU A 293 8.87 -29.37 1.42
N LEU A 294 9.73 -29.54 2.41
CA LEU A 294 11.05 -30.12 2.09
C LEU A 294 10.89 -31.58 1.72
N ALA A 295 9.95 -32.25 2.36
CA ALA A 295 9.70 -33.63 1.97
C ALA A 295 9.26 -33.76 0.53
N ILE A 296 8.38 -32.90 0.08
CA ILE A 296 7.91 -33.00 -1.30
C ILE A 296 9.11 -32.63 -2.20
N ALA A 297 9.81 -31.55 -1.84
CA ALA A 297 10.93 -31.15 -2.67
C ALA A 297 11.94 -32.33 -2.84
N ARG A 298 12.18 -33.09 -1.79
CA ARG A 298 13.22 -34.15 -1.91
C ARG A 298 12.76 -35.29 -2.84
N ARG A 299 11.46 -35.40 -3.09
CA ARG A 299 10.94 -36.44 -3.99
C ARG A 299 11.25 -36.04 -5.45
N LEU A 300 11.60 -34.78 -5.64
CA LEU A 300 11.73 -34.24 -6.98
C LEU A 300 13.16 -33.82 -7.39
N ASP A 301 14.10 -33.89 -6.45
CA ASP A 301 15.50 -33.60 -6.77
C ASP A 301 15.70 -32.28 -7.52
N PRO A 302 15.16 -31.20 -6.97
CA PRO A 302 15.38 -29.89 -7.65
C PRO A 302 16.80 -29.34 -7.42
N LEU A 303 17.24 -28.47 -8.34
CA LEU A 303 18.64 -28.02 -8.30
C LEU A 303 18.92 -27.31 -6.98
N VAL A 304 17.92 -26.63 -6.42
CA VAL A 304 18.17 -25.81 -5.24
C VAL A 304 18.72 -26.60 -4.05
N LEU A 305 18.46 -27.91 -4.03
CA LEU A 305 18.93 -28.75 -2.93
C LEU A 305 20.29 -29.46 -3.25
N ARG A 306 20.82 -29.17 -4.42
CA ARG A 306 22.11 -29.76 -4.92
C ARG A 306 22.88 -28.73 -5.74
N TRP A 307 22.97 -27.51 -5.21
CA TRP A 307 23.63 -26.42 -5.93
C TRP A 307 24.98 -26.20 -5.23
N ALA A 308 26.01 -26.73 -5.89
CA ALA A 308 27.33 -26.84 -5.25
C ALA A 308 28.18 -25.59 -5.56
N HIS A 309 27.76 -24.49 -4.97
CA HIS A 309 28.47 -23.24 -5.11
C HIS A 309 28.31 -22.45 -3.85
N THR B 6 -8.64 13.14 32.25
CA THR B 6 -7.22 12.86 32.51
C THR B 6 -6.31 12.68 31.29
N PRO B 7 -6.87 12.64 30.06
CA PRO B 7 -5.98 12.33 28.95
C PRO B 7 -5.09 13.51 28.66
N ARG B 8 -3.99 13.20 28.01
CA ARG B 8 -3.08 14.24 27.64
C ARG B 8 -3.65 14.94 26.43
N HIS B 9 -4.52 14.28 25.67
CA HIS B 9 -5.00 14.91 24.44
C HIS B 9 -6.49 14.70 24.19
N ARG B 10 -7.18 15.75 23.72
CA ARG B 10 -8.64 15.61 23.42
C ARG B 10 -9.06 16.75 22.51
N GLY B 11 -10.28 16.67 21.93
CA GLY B 11 -10.79 17.73 21.06
C GLY B 11 -10.62 17.44 19.57
N ILE B 12 -10.36 18.46 18.76
CA ILE B 12 -10.36 18.21 17.35
C ILE B 12 -8.95 18.11 16.80
N PHE B 13 -8.67 17.04 16.06
CA PHE B 13 -7.35 16.82 15.51
C PHE B 13 -7.46 16.57 14.00
N PRO B 14 -7.60 17.63 13.23
CA PRO B 14 -7.82 17.45 11.77
C PRO B 14 -6.59 16.95 11.04
N VAL B 15 -6.82 16.38 9.85
CA VAL B 15 -5.74 15.87 9.02
C VAL B 15 -5.28 16.95 8.10
N VAL B 16 -3.99 17.24 8.16
CA VAL B 16 -3.38 18.23 7.27
C VAL B 16 -3.25 17.67 5.91
N PRO B 17 -3.79 18.36 4.92
CA PRO B 17 -3.69 17.85 3.55
C PRO B 17 -2.29 18.07 3.03
N THR B 18 -1.84 17.29 2.03
CA THR B 18 -0.57 17.54 1.35
C THR B 18 -0.80 18.44 0.16
N THR B 19 -0.12 19.58 0.19
CA THR B 19 -0.22 20.49 -0.95
C THR B 19 0.83 20.29 -2.03
N PHE B 20 0.38 20.20 -3.27
CA PHE B 20 1.28 20.07 -4.40
C PHE B 20 1.14 21.25 -5.26
N ALA B 21 2.15 21.46 -6.08
CA ALA B 21 2.05 22.44 -7.15
C ALA B 21 1.19 21.87 -8.21
N ASP B 22 0.76 22.70 -9.17
CA ASP B 22 -0.13 22.14 -10.18
CA ASP B 22 -0.03 22.29 -10.32
C ASP B 22 0.60 21.05 -10.97
N THR B 23 1.92 21.05 -11.00
CA THR B 23 2.56 19.97 -11.74
C THR B 23 2.99 18.76 -10.90
N GLY B 24 2.58 18.79 -9.65
CA GLY B 24 2.74 17.63 -8.79
C GLY B 24 3.92 17.68 -7.81
N ASP B 25 4.87 18.63 -7.90
CA ASP B 25 6.00 18.67 -6.95
C ASP B 25 5.39 19.09 -5.58
N LEU B 26 6.01 18.83 -4.44
CA LEU B 26 5.48 19.35 -3.20
C LEU B 26 5.53 20.90 -3.22
N ASP B 27 4.54 21.53 -2.61
CA ASP B 27 4.46 23.00 -2.57
C ASP B 27 4.55 23.34 -1.10
N LEU B 28 5.78 23.51 -0.59
CA LEU B 28 5.93 23.60 0.84
C LEU B 28 5.46 24.98 1.30
N ALA B 29 5.49 25.96 0.42
CA ALA B 29 5.04 27.27 0.89
C ALA B 29 3.52 27.22 1.22
N SER B 30 2.77 26.60 0.32
CA SER B 30 1.34 26.38 0.56
C SER B 30 1.13 25.48 1.75
N GLN B 31 2.02 24.49 1.91
CA GLN B 31 1.90 23.55 3.05
C GLN B 31 1.93 24.28 4.40
N LYS B 32 2.84 25.24 4.52
CA LYS B 32 2.93 26.06 5.70
C LYS B 32 1.71 26.93 5.91
N ARG B 33 1.24 27.54 4.85
CA ARG B 33 -0.03 28.26 5.01
C ARG B 33 -1.25 27.43 5.42
N ALA B 34 -1.36 26.20 4.85
CA ALA B 34 -2.44 25.34 5.29
C ALA B 34 -2.37 25.07 6.76
N VAL B 35 -1.15 24.80 7.22
CA VAL B 35 -0.95 24.53 8.65
C VAL B 35 -1.33 25.74 9.49
N ASP B 36 -0.90 26.91 9.06
CA ASP B 36 -1.21 28.11 9.86
C ASP B 36 -2.71 28.40 9.92
N PHE B 37 -3.34 28.19 8.76
CA PHE B 37 -4.81 28.34 8.73
C PHE B 37 -5.52 27.36 9.66
N MET B 38 -5.10 26.07 9.66
CA MET B 38 -5.76 25.13 10.52
C MET B 38 -5.54 25.42 11.98
N ILE B 39 -4.38 25.92 12.31
CA ILE B 39 -4.16 26.36 13.69
C ILE B 39 -5.07 27.52 14.04
N ASP B 40 -5.11 28.46 13.13
CA ASP B 40 -5.99 29.64 13.39
C ASP B 40 -7.47 29.27 13.50
N ALA B 41 -7.85 28.16 12.85
CA ALA B 41 -9.24 27.71 12.85
C ALA B 41 -9.57 27.08 14.19
N GLY B 42 -8.58 26.92 15.07
CA GLY B 42 -8.88 26.50 16.42
C GLY B 42 -8.59 25.02 16.65
N SER B 43 -7.93 24.38 15.71
CA SER B 43 -7.56 22.95 15.95
C SER B 43 -6.85 22.69 17.28
N ASP B 44 -7.22 21.63 17.96
CA ASP B 44 -6.56 21.27 19.25
C ASP B 44 -5.20 20.62 18.98
N GLY B 45 -5.13 20.00 17.83
CA GLY B 45 -3.90 19.37 17.35
C GLY B 45 -3.97 19.05 15.87
N LEU B 46 -2.91 18.49 15.27
CA LEU B 46 -2.94 18.21 13.86
C LEU B 46 -2.45 16.77 13.67
N CYS B 47 -2.98 16.09 12.65
CA CYS B 47 -2.47 14.77 12.26
C CYS B 47 -1.88 14.90 10.86
N ILE B 48 -0.68 14.41 10.63
CA ILE B 48 -0.06 14.61 9.33
C ILE B 48 0.30 13.26 8.68
N LEU B 49 0.35 13.30 7.37
CA LEU B 49 0.78 12.18 6.53
C LEU B 49 -0.10 11.00 6.72
N ALA B 50 -1.39 11.26 6.91
CA ALA B 50 -2.39 10.23 6.96
C ALA B 50 -3.04 10.00 5.57
N ASN B 51 -4.03 9.13 5.52
CA ASN B 51 -4.53 8.84 4.17
C ASN B 51 -5.30 10.07 3.58
N PHE B 52 -6.02 10.86 4.41
CA PHE B 52 -6.52 12.18 3.98
C PHE B 52 -5.47 13.18 3.52
N SER B 53 -4.18 12.86 3.81
CA SER B 53 -3.08 13.74 3.41
C SER B 53 -2.52 13.20 2.12
N GLU B 54 -3.24 12.26 1.48
CA GLU B 54 -2.72 11.64 0.25
C GLU B 54 -1.34 10.96 0.39
N GLN B 55 -1.10 10.36 1.52
CA GLN B 55 0.28 9.92 1.75
C GLN B 55 0.70 8.77 0.77
N PHE B 56 -0.29 8.02 0.32
CA PHE B 56 -0.08 6.98 -0.70
C PHE B 56 0.47 7.48 -2.00
N ALA B 57 0.38 8.77 -2.23
CA ALA B 57 0.90 9.38 -3.45
C ALA B 57 2.34 9.97 -3.38
N ILE B 58 2.99 9.88 -2.23
CA ILE B 58 4.30 10.50 -2.07
C ILE B 58 5.35 9.44 -1.67
N THR B 59 6.61 9.84 -1.70
CA THR B 59 7.69 8.86 -1.53
C THR B 59 8.15 8.97 -0.10
N ASP B 60 8.98 8.01 0.33
CA ASP B 60 9.55 8.10 1.70
C ASP B 60 10.32 9.39 1.93
N ASP B 61 11.09 9.78 0.91
CA ASP B 61 11.88 11.04 1.04
C ASP B 61 10.93 12.24 1.28
N GLU B 62 9.84 12.29 0.52
CA GLU B 62 8.84 13.35 0.66
C GLU B 62 8.21 13.30 2.03
N ARG B 63 7.87 12.12 2.55
CA ARG B 63 7.33 12.07 3.91
C ARG B 63 8.21 12.71 4.91
N ASP B 64 9.50 12.44 4.80
CA ASP B 64 10.42 12.96 5.79
C ASP B 64 10.53 14.49 5.65
N VAL B 65 10.60 15.00 4.44
CA VAL B 65 10.64 16.45 4.21
C VAL B 65 9.40 17.08 4.86
N LEU B 66 8.27 16.47 4.60
CA LEU B 66 7.02 17.05 5.15
C LEU B 66 6.94 16.98 6.65
N THR B 67 7.49 15.92 7.22
CA THR B 67 7.39 15.73 8.68
C THR B 67 8.24 16.85 9.32
N ARG B 68 9.40 17.11 8.73
CA ARG B 68 10.30 18.14 9.35
C ARG B 68 9.66 19.47 9.09
N THR B 69 9.25 19.67 7.83
CA THR B 69 8.65 20.97 7.49
C THR B 69 7.46 21.39 8.36
N ILE B 70 6.52 20.51 8.53
CA ILE B 70 5.32 20.78 9.30
C ILE B 70 5.55 20.89 10.80
N LEU B 71 6.26 19.93 11.40
CA LEU B 71 6.64 20.07 12.82
C LEU B 71 7.35 21.43 13.10
N GLU B 72 8.34 21.79 12.29
CA GLU B 72 9.11 23.06 12.51
C GLU B 72 8.18 24.23 12.37
N HIS B 73 7.36 24.19 11.32
CA HIS B 73 6.41 25.27 11.19
C HIS B 73 5.34 25.37 12.30
N VAL B 74 4.78 24.26 12.79
CA VAL B 74 3.83 24.31 13.91
C VAL B 74 4.50 24.97 15.15
N ALA B 75 5.78 24.67 15.32
CA ALA B 75 6.59 25.36 16.32
C ALA B 75 6.02 25.19 17.67
N GLY B 76 5.60 23.97 17.98
CA GLY B 76 5.21 23.70 19.35
C GLY B 76 3.90 24.28 19.68
N ARG B 77 3.25 24.89 18.67
CA ARG B 77 1.95 25.54 19.01
C ARG B 77 0.76 24.64 19.42
N VAL B 78 0.60 23.52 18.70
CA VAL B 78 -0.42 22.51 19.07
C VAL B 78 0.28 21.16 18.86
N PRO B 79 -0.18 20.13 19.58
CA PRO B 79 0.47 18.80 19.41
C PRO B 79 0.24 18.23 18.02
N VAL B 80 1.25 17.53 17.49
CA VAL B 80 1.13 16.91 16.16
C VAL B 80 1.21 15.37 16.28
N ILE B 81 0.25 14.68 15.65
CA ILE B 81 0.27 13.21 15.51
C ILE B 81 0.91 12.93 14.16
N VAL B 82 2.00 12.16 14.14
CA VAL B 82 2.66 11.87 12.88
C VAL B 82 2.30 10.41 12.47
N THR B 83 1.71 10.25 11.29
CA THR B 83 1.36 8.93 10.80
C THR B 83 2.61 8.18 10.37
N THR B 84 2.81 6.97 10.91
CA THR B 84 4.09 6.29 10.65
C THR B 84 3.91 4.84 10.12
N SER B 85 2.69 4.52 9.74
CA SER B 85 2.30 3.17 9.19
C SER B 85 3.26 2.62 8.23
N HIS B 86 3.62 1.36 8.44
CA HIS B 86 4.39 0.61 7.42
C HIS B 86 4.19 -0.88 7.77
N TYR B 87 4.27 -1.71 6.76
CA TYR B 87 4.09 -3.16 6.99
C TYR B 87 5.17 -3.67 7.97
N SER B 88 6.45 -3.26 7.73
CA SER B 88 7.60 -3.74 8.55
C SER B 88 7.56 -3.15 9.94
N THR B 89 7.59 -3.99 10.97
CA THR B 89 7.67 -3.53 12.36
C THR B 89 8.89 -2.65 12.53
N GLN B 90 10.05 -3.12 12.05
CA GLN B 90 11.28 -2.36 12.24
C GLN B 90 11.24 -0.99 11.54
N VAL B 91 10.69 -0.95 10.34
CA VAL B 91 10.55 0.31 9.63
C VAL B 91 9.61 1.23 10.37
N CYS B 92 8.49 0.69 10.86
CA CYS B 92 7.53 1.55 11.55
C CYS B 92 8.15 2.06 12.84
N ALA B 93 8.83 1.16 13.56
CA ALA B 93 9.47 1.57 14.79
C ALA B 93 10.46 2.70 14.53
N ALA B 94 11.22 2.60 13.41
CA ALA B 94 12.26 3.59 13.10
C ALA B 94 11.61 4.91 12.74
N ARG B 95 10.53 4.87 11.98
CA ARG B 95 9.79 6.09 11.63
CA ARG B 95 9.80 6.10 11.62
C ARG B 95 9.21 6.77 12.86
N SER B 96 8.72 5.98 13.78
CA SER B 96 8.08 6.49 15.00
C SER B 96 9.15 7.12 15.94
N LEU B 97 10.28 6.45 16.13
CA LEU B 97 11.39 7.10 16.87
C LEU B 97 11.86 8.43 16.23
N ARG B 98 12.08 8.43 14.91
CA ARG B 98 12.47 9.68 14.24
C ARG B 98 11.40 10.79 14.44
N ALA B 99 10.14 10.43 14.29
CA ALA B 99 9.08 11.38 14.47
C ALA B 99 9.12 11.96 15.87
N GLN B 100 9.37 11.08 16.84
CA GLN B 100 9.54 11.53 18.23
C GLN B 100 10.65 12.54 18.37
N GLN B 101 11.78 12.20 17.77
CA GLN B 101 13.03 13.03 17.85
C GLN B 101 12.78 14.36 17.15
N LEU B 102 11.91 14.36 16.14
CA LEU B 102 11.58 15.57 15.45
C LEU B 102 10.47 16.41 16.12
N GLY B 103 9.91 15.92 17.21
CA GLY B 103 8.97 16.70 17.98
C GLY B 103 7.51 16.27 17.96
N ALA B 104 7.24 15.07 17.44
CA ALA B 104 5.86 14.58 17.48
C ALA B 104 5.39 14.36 18.89
N ALA B 105 4.11 14.65 19.12
CA ALA B 105 3.48 14.35 20.40
C ALA B 105 2.97 12.93 20.42
N MET B 106 2.73 12.36 19.26
CA MET B 106 2.06 11.04 19.18
C MET B 106 2.35 10.47 17.83
N VAL B 107 2.34 9.13 17.66
CA VAL B 107 2.35 8.62 16.29
C VAL B 107 1.05 7.85 16.02
N MET B 108 0.69 7.74 14.76
CA MET B 108 -0.52 6.90 14.42
C MET B 108 -0.13 5.84 13.44
N ALA B 109 -0.60 4.61 13.65
CA ALA B 109 -0.24 3.56 12.70
C ALA B 109 -1.47 2.67 12.49
N MET B 110 -1.76 2.47 11.21
CA MET B 110 -2.55 1.31 10.80
C MET B 110 -1.88 0.01 11.26
N PRO B 111 -2.68 -1.07 11.42
CA PRO B 111 -2.06 -2.37 11.63
C PRO B 111 -1.33 -2.71 10.33
N PRO B 112 -0.28 -3.55 10.43
CA PRO B 112 0.50 -3.87 9.24
C PRO B 112 -0.38 -4.63 8.24
N TYR B 113 -0.39 -4.23 6.96
CA TYR B 113 -1.12 -5.03 5.96
C TYR B 113 -0.50 -4.52 4.65
N HIS B 114 -0.80 -5.14 3.52
CA HIS B 114 -0.50 -4.53 2.22
C HIS B 114 -1.54 -4.87 1.21
N GLY B 115 -1.95 -3.86 0.44
CA GLY B 115 -2.89 -4.08 -0.61
C GLY B 115 -4.21 -4.66 -0.10
N ALA B 116 -4.92 -5.33 -0.97
CA ALA B 116 -6.19 -6.03 -0.57
C ALA B 116 -5.97 -7.44 -0.03
N THR B 117 -4.76 -7.96 -0.20
N THR B 117 -4.76 -7.97 -0.10
CA THR B 117 -4.54 -9.40 0.02
CA THR B 117 -4.64 -9.40 0.19
C THR B 117 -3.66 -9.74 1.23
C THR B 117 -3.58 -9.81 1.20
N PHE B 118 -2.63 -8.94 1.48
CA PHE B 118 -1.65 -9.31 2.46
C PHE B 118 -2.10 -8.85 3.86
N ARG B 119 -2.33 -9.80 4.75
CA ARG B 119 -2.67 -9.48 6.15
C ARG B 119 -1.79 -10.26 7.12
N VAL B 120 -1.93 -9.96 8.41
CA VAL B 120 -1.04 -10.37 9.47
C VAL B 120 -1.92 -10.92 10.58
N PRO B 121 -1.60 -12.09 11.10
CA PRO B 121 -2.39 -12.63 12.22
C PRO B 121 -2.39 -11.71 13.44
N GLU B 122 -3.47 -11.80 14.21
CA GLU B 122 -3.62 -11.00 15.42
C GLU B 122 -2.36 -11.03 16.30
N ALA B 123 -1.86 -12.23 16.55
CA ALA B 123 -0.72 -12.37 17.45
C ALA B 123 0.45 -11.49 16.99
N GLN B 124 0.66 -11.43 15.67
CA GLN B 124 1.78 -10.66 15.11
C GLN B 124 1.45 -9.19 15.06
N ILE B 125 0.17 -8.84 14.91
CA ILE B 125 -0.21 -7.42 15.02
C ILE B 125 0.06 -6.93 16.43
N PHE B 126 -0.25 -7.72 17.43
CA PHE B 126 0.01 -7.37 18.81
C PHE B 126 1.52 -7.15 18.99
N GLU B 127 2.37 -8.05 18.46
CA GLU B 127 3.81 -7.87 18.53
C GLU B 127 4.31 -6.63 17.84
N PHE B 128 3.78 -6.39 16.64
CA PHE B 128 4.12 -5.18 15.93
C PHE B 128 3.91 -3.93 16.81
N TYR B 129 2.75 -3.81 17.44
CA TYR B 129 2.57 -2.63 18.28
C TYR B 129 3.41 -2.62 19.57
N ALA B 130 3.63 -3.79 20.14
CA ALA B 130 4.51 -3.88 21.32
C ALA B 130 5.89 -3.37 20.98
N ARG B 131 6.36 -3.76 19.80
CA ARG B 131 7.76 -3.43 19.47
C ARG B 131 7.89 -1.96 19.11
N VAL B 132 6.87 -1.43 18.43
CA VAL B 132 6.89 0.02 18.17
C VAL B 132 6.81 0.80 19.50
N SER B 133 5.88 0.43 20.38
CA SER B 133 5.79 1.01 21.73
C SER B 133 7.16 0.95 22.44
N ASP B 134 7.81 -0.22 22.45
CA ASP B 134 9.18 -0.39 23.06
C ASP B 134 10.26 0.59 22.54
N ALA B 135 10.13 0.99 21.29
CA ALA B 135 11.07 1.87 20.66
C ALA B 135 10.89 3.34 21.04
N ILE B 136 9.75 3.71 21.60
CA ILE B 136 9.40 5.12 21.72
C ILE B 136 8.89 5.48 23.08
N ALA B 137 8.77 6.79 23.33
CA ALA B 137 8.27 7.24 24.62
C ALA B 137 7.09 8.21 24.49
N ILE B 138 6.45 8.20 23.33
CA ILE B 138 5.24 9.01 23.15
C ILE B 138 4.15 8.05 22.76
N PRO B 139 2.88 8.44 23.02
CA PRO B 139 1.76 7.54 22.70
C PRO B 139 1.61 7.12 21.23
N ILE B 140 0.97 5.95 21.11
CA ILE B 140 0.58 5.45 19.79
C ILE B 140 -0.96 5.49 19.67
N MET B 141 -1.38 5.96 18.52
CA MET B 141 -2.78 5.87 18.11
C MET B 141 -2.92 4.73 17.11
N VAL B 142 -3.82 3.79 17.42
CA VAL B 142 -4.15 2.72 16.45
C VAL B 142 -5.27 3.19 15.52
N GLN B 143 -4.99 3.17 14.21
CA GLN B 143 -5.99 3.54 13.23
C GLN B 143 -6.78 2.28 12.84
N ASP B 144 -8.10 2.29 13.08
CA ASP B 144 -9.02 1.17 12.78
C ASP B 144 -9.88 1.60 11.64
N ALA B 145 -9.40 1.33 10.43
CA ALA B 145 -10.06 1.90 9.23
C ALA B 145 -10.21 0.83 8.12
N PRO B 146 -11.24 1.00 7.28
CA PRO B 146 -11.47 0.03 6.20
C PRO B 146 -10.30 -0.14 5.27
N ALA B 147 -9.41 0.86 5.09
CA ALA B 147 -8.37 0.65 4.10
C ALA B 147 -7.36 -0.47 4.42
N SER B 148 -7.21 -0.85 5.70
CA SER B 148 -6.33 -1.94 6.04
C SER B 148 -6.92 -3.31 5.75
N GLY B 149 -8.25 -3.34 5.55
CA GLY B 149 -8.95 -4.62 5.40
C GLY B 149 -8.73 -5.57 6.57
N THR B 150 -8.38 -5.01 7.73
CA THR B 150 -7.90 -5.77 8.84
C THR B 150 -8.84 -5.64 9.99
N ALA B 151 -9.33 -6.76 10.48
CA ALA B 151 -10.25 -6.73 11.64
C ALA B 151 -9.56 -6.55 13.00
N LEU B 152 -9.88 -5.45 13.69
CA LEU B 152 -9.32 -5.26 15.03
C LEU B 152 -10.48 -5.12 16.02
N SER B 153 -10.83 -6.21 16.70
CA SER B 153 -12.03 -6.20 17.53
C SER B 153 -11.86 -5.28 18.73
N ALA B 154 -12.98 -4.87 19.34
CA ALA B 154 -12.83 -4.06 20.54
C ALA B 154 -12.04 -4.76 21.68
N PRO B 155 -12.24 -6.08 21.92
CA PRO B 155 -11.45 -6.77 22.95
C PRO B 155 -9.96 -6.74 22.66
N PHE B 156 -9.63 -6.89 21.39
CA PHE B 156 -8.23 -6.96 20.99
C PHE B 156 -7.62 -5.57 21.17
N LEU B 157 -8.39 -4.56 20.76
CA LEU B 157 -7.92 -3.18 20.84
C LEU B 157 -7.70 -2.84 22.30
N ALA B 158 -8.64 -3.25 23.12
CA ALA B 158 -8.55 -2.95 24.55
C ALA B 158 -7.44 -3.70 25.19
N ARG B 159 -7.24 -4.94 24.76
CA ARG B 159 -6.12 -5.70 25.32
C ARG B 159 -4.77 -5.05 24.96
N MET B 160 -4.64 -4.56 23.71
CA MET B 160 -3.45 -3.81 23.39
C MET B 160 -3.28 -2.59 24.31
N ALA B 161 -4.33 -1.84 24.58
CA ALA B 161 -4.14 -0.65 25.39
C ALA B 161 -3.73 -1.03 26.77
N ARG B 162 -4.34 -2.08 27.34
CA ARG B 162 -3.96 -2.47 28.71
C ARG B 162 -2.53 -3.01 28.86
N GLU B 163 -2.06 -3.73 27.86
CA GLU B 163 -0.85 -4.51 27.96
C GLU B 163 0.38 -3.83 27.31
N ILE B 164 0.15 -2.87 26.42
CA ILE B 164 1.24 -2.23 25.65
C ILE B 164 1.31 -0.80 26.06
N GLU B 165 2.43 -0.43 26.68
CA GLU B 165 2.54 0.88 27.32
C GLU B 165 2.06 2.04 26.47
N GLN B 166 2.64 2.23 25.28
CA GLN B 166 2.35 3.45 24.50
C GLN B 166 1.01 3.37 23.73
N VAL B 167 0.47 2.17 23.54
CA VAL B 167 -0.88 2.11 22.86
C VAL B 167 -1.94 2.71 23.77
N ALA B 168 -2.54 3.83 23.35
CA ALA B 168 -3.40 4.60 24.31
C ALA B 168 -4.50 5.41 23.57
N TYR B 169 -4.32 5.59 22.26
CA TYR B 169 -5.28 6.32 21.43
C TYR B 169 -5.77 5.44 20.25
N PHE B 170 -6.93 5.80 19.71
CA PHE B 170 -7.61 4.95 18.70
C PHE B 170 -8.36 5.87 17.74
N KPI B 171 -8.19 5.71 16.45
CA KPI B 171 -9.05 6.43 15.47
CB KPI B 171 -8.16 6.88 14.28
CG KPI B 171 -9.00 7.78 13.37
CD KPI B 171 -8.15 8.05 12.12
CE KPI B 171 -8.84 9.14 11.26
NZ KPI B 171 -8.31 9.30 9.87
CX1 KPI B 171 -7.23 9.55 9.24
C1 KPI B 171 -6.03 9.79 10.09
CX2 KPI B 171 -7.18 9.60 7.68
O1 KPI B 171 -6.12 9.59 7.16
O2 KPI B 171 -8.20 9.38 6.97
C KPI B 171 -10.03 5.31 14.97
O KPI B 171 -9.61 4.44 14.17
N ILE B 172 -11.27 5.27 15.51
CA ILE B 172 -12.25 4.20 15.10
C ILE B 172 -13.08 4.70 13.95
N GLU B 173 -12.91 4.10 12.79
CA GLU B 173 -13.56 4.55 11.57
C GLU B 173 -14.16 3.39 10.80
N THR B 174 -14.32 2.30 11.47
CA THR B 174 -15.01 1.21 10.78
C THR B 174 -16.54 1.39 11.05
N PRO B 175 -17.35 0.73 10.24
CA PRO B 175 -18.77 0.91 10.44
C PRO B 175 -19.27 0.54 11.84
N GLY B 176 -20.25 1.29 12.33
CA GLY B 176 -20.73 1.07 13.67
C GLY B 176 -19.71 1.54 14.72
N ALA B 177 -19.04 2.64 14.42
CA ALA B 177 -18.00 3.14 15.29
C ALA B 177 -18.53 3.41 16.67
N ALA B 178 -19.78 3.93 16.79
CA ALA B 178 -20.23 4.34 18.10
C ALA B 178 -20.35 3.13 19.01
N ASN B 179 -20.99 2.10 18.51
CA ASN B 179 -21.06 0.85 19.28
C ASN B 179 -19.70 0.31 19.70
N LYS B 180 -18.73 0.38 18.79
CA LYS B 180 -17.40 -0.15 19.05
C LYS B 180 -16.65 0.71 20.04
N LEU B 181 -16.78 2.02 19.90
CA LEU B 181 -16.22 2.93 20.91
C LEU B 181 -16.76 2.61 22.30
N ARG B 182 -18.05 2.45 22.42
CA ARG B 182 -18.63 2.14 23.72
C ARG B 182 -17.99 0.89 24.30
N GLU B 183 -17.78 -0.14 23.47
CA GLU B 183 -17.23 -1.39 23.97
CA GLU B 183 -17.23 -1.41 23.97
C GLU B 183 -15.76 -1.25 24.31
N LEU B 184 -15.05 -0.54 23.44
CA LEU B 184 -13.63 -0.36 23.70
C LEU B 184 -13.48 0.30 25.03
N ILE B 185 -14.33 1.30 25.28
CA ILE B 185 -14.17 2.07 26.50
C ILE B 185 -14.48 1.19 27.67
N ARG B 186 -15.55 0.42 27.54
CA ARG B 186 -15.94 -0.50 28.63
C ARG B 186 -14.80 -1.49 28.98
N LEU B 187 -14.22 -2.10 27.97
CA LEU B 187 -13.22 -3.16 28.15
C LEU B 187 -11.84 -2.66 28.54
N GLY B 188 -11.53 -1.45 28.05
CA GLY B 188 -10.22 -0.88 28.20
C GLY B 188 -10.02 0.00 29.42
N GLY B 189 -11.10 0.55 29.97
CA GLY B 189 -10.98 1.38 31.17
C GLY B 189 -9.97 2.52 31.03
N ASP B 190 -9.17 2.73 32.08
CA ASP B 190 -8.16 3.81 32.19
C ASP B 190 -7.11 3.84 31.08
N ALA B 191 -6.81 2.66 30.58
CA ALA B 191 -5.85 2.52 29.49
C ALA B 191 -6.29 3.16 28.17
N ILE B 192 -7.61 3.34 27.96
CA ILE B 192 -8.08 4.05 26.78
C ILE B 192 -8.04 5.55 27.04
N GLU B 193 -6.93 6.14 26.64
CA GLU B 193 -6.75 7.59 26.86
C GLU B 193 -7.56 8.38 25.84
N GLY B 194 -7.56 7.88 24.60
CA GLY B 194 -8.15 8.57 23.48
C GLY B 194 -9.07 7.72 22.60
N PRO B 195 -10.33 7.56 23.04
CA PRO B 195 -11.34 6.96 22.14
C PRO B 195 -11.83 7.99 21.18
N TRP B 196 -11.24 8.05 19.99
CA TRP B 196 -11.59 9.08 19.02
C TRP B 196 -12.30 8.53 17.78
N ASP B 197 -13.04 9.41 17.06
CA ASP B 197 -13.57 8.96 15.74
C ASP B 197 -12.88 9.68 14.58
N GLY B 198 -13.35 9.44 13.36
CA GLY B 198 -12.74 9.92 12.14
C GLY B 198 -13.87 10.14 11.13
N GLU B 199 -13.70 9.60 9.93
CA GLU B 199 -14.71 9.78 8.87
C GLU B 199 -15.25 11.21 8.68
N GLU B 200 -14.36 12.21 8.87
CA GLU B 200 -14.66 13.62 8.57
C GLU B 200 -15.77 14.20 9.45
N ALA B 201 -16.06 13.48 10.52
CA ALA B 201 -17.06 13.85 11.55
C ALA B 201 -18.50 13.47 11.18
N ILE B 202 -18.65 12.56 10.20
CA ILE B 202 -19.98 12.18 9.76
C ILE B 202 -20.81 11.54 10.88
N THR B 203 -20.22 10.75 11.75
CA THR B 203 -21.01 10.14 12.82
C THR B 203 -20.65 10.81 14.16
N LEU B 204 -20.17 12.03 14.10
CA LEU B 204 -19.66 12.66 15.37
C LEU B 204 -20.67 12.64 16.52
N LEU B 205 -21.92 13.05 16.27
CA LEU B 205 -22.84 13.16 17.41
C LEU B 205 -23.16 11.80 18.04
N ALA B 206 -23.34 10.74 17.22
CA ALA B 206 -23.48 9.40 17.84
C ALA B 206 -22.26 8.95 18.62
N ASP B 207 -21.11 9.27 18.03
CA ASP B 207 -19.84 8.84 18.65
C ASP B 207 -19.59 9.55 19.97
N LEU B 208 -20.00 10.82 20.06
CA LEU B 208 -19.90 11.53 21.37
C LEU B 208 -20.83 10.92 22.41
N HIS B 209 -22.04 10.58 22.02
CA HIS B 209 -22.91 9.86 22.94
C HIS B 209 -22.27 8.58 23.41
N ALA B 210 -21.45 7.98 22.57
CA ALA B 210 -20.81 6.68 22.89
C ALA B 210 -19.59 6.86 23.81
N GLY B 211 -19.17 8.12 23.99
CA GLY B 211 -18.01 8.43 24.81
C GLY B 211 -16.76 8.93 24.04
N ALA B 212 -16.86 9.24 22.76
CA ALA B 212 -15.67 9.75 22.04
C ALA B 212 -15.23 11.06 22.72
N THR B 213 -13.91 11.27 22.82
CA THR B 213 -13.41 12.51 23.43
C THR B 213 -12.58 13.29 22.43
N GLY B 214 -12.50 12.79 21.20
CA GLY B 214 -11.73 13.48 20.17
C GLY B 214 -12.21 13.08 18.81
N ALA B 215 -11.89 13.91 17.83
CA ALA B 215 -12.36 13.69 16.48
C ALA B 215 -11.27 14.07 15.51
N MET B 216 -10.97 13.17 14.59
CA MET B 216 -10.04 13.49 13.54
CA MET B 216 -10.03 13.46 13.52
C MET B 216 -10.76 13.73 12.23
N THR B 217 -10.86 14.99 11.85
CA THR B 217 -11.72 15.45 10.75
C THR B 217 -10.88 15.83 9.51
N GLY B 218 -11.56 16.25 8.43
CA GLY B 218 -10.89 16.86 7.31
C GLY B 218 -10.36 18.23 7.79
N GLY B 219 -9.46 18.83 7.00
CA GLY B 219 -8.73 20.02 7.47
C GLY B 219 -9.41 21.31 7.02
N GLY B 220 -10.52 21.20 6.28
CA GLY B 220 -11.15 22.38 5.67
C GLY B 220 -11.93 23.32 6.59
N PHE B 221 -12.58 22.76 7.61
CA PHE B 221 -13.44 23.57 8.51
C PHE B 221 -13.50 23.05 9.94
N PRO B 222 -12.33 22.83 10.53
CA PRO B 222 -12.40 22.36 11.94
C PRO B 222 -13.10 23.42 12.81
N ASP B 223 -13.07 24.66 12.35
CA ASP B 223 -13.79 25.71 13.10
C ASP B 223 -15.28 25.51 13.20
N GLY B 224 -15.84 24.90 12.16
CA GLY B 224 -17.27 24.55 12.17
C GLY B 224 -17.55 23.35 13.04
N ILE B 225 -16.61 22.41 13.16
CA ILE B 225 -16.95 21.19 13.92
C ILE B 225 -16.60 21.29 15.40
N ARG B 226 -15.47 21.96 15.71
CA ARG B 226 -15.03 21.99 17.09
C ARG B 226 -16.13 22.37 18.10
N PRO B 227 -16.99 23.37 17.75
CA PRO B 227 -18.03 23.76 18.73
C PRO B 227 -18.99 22.64 19.12
N ILE B 228 -19.19 21.66 18.21
CA ILE B 228 -19.98 20.49 18.58
C ILE B 228 -19.33 19.76 19.74
N LEU B 229 -18.01 19.56 19.65
CA LEU B 229 -17.29 18.87 20.75
C LEU B 229 -17.33 19.71 22.02
N GLU B 230 -17.21 21.02 21.84
CA GLU B 230 -17.20 21.86 23.07
C GLU B 230 -18.59 21.90 23.72
N ALA B 231 -19.65 21.95 22.92
CA ALA B 231 -21.00 21.92 23.47
C ALA B 231 -21.22 20.59 24.25
N TRP B 232 -20.73 19.49 23.66
CA TRP B 232 -20.94 18.16 24.23
C TRP B 232 -20.18 18.15 25.59
N ARG B 233 -18.97 18.67 25.54
CA ARG B 233 -18.12 18.67 26.71
C ARG B 233 -18.77 19.51 27.85
N GLU B 234 -19.50 20.56 27.48
CA GLU B 234 -20.22 21.41 28.47
C GLU B 234 -21.55 20.85 28.94
N GLY B 235 -21.90 19.66 28.46
CA GLY B 235 -23.13 19.03 28.89
C GLY B 235 -24.40 19.49 28.16
N ARG B 236 -24.20 20.17 27.04
CA ARG B 236 -25.32 20.76 26.30
C ARG B 236 -25.62 19.96 25.04
N HIS B 237 -26.27 18.84 25.26
CA HIS B 237 -26.45 17.88 24.19
C HIS B 237 -27.36 18.43 23.09
N ASP B 238 -28.36 19.24 23.48
CA ASP B 238 -29.24 19.87 22.47
C ASP B 238 -28.51 20.91 21.66
N ASP B 239 -27.63 21.66 22.34
CA ASP B 239 -26.88 22.67 21.59
C ASP B 239 -25.91 21.96 20.64
N ALA B 240 -25.35 20.86 21.13
CA ALA B 240 -24.46 20.05 20.22
C ALA B 240 -25.24 19.58 18.97
N TYR B 241 -26.49 19.11 19.19
CA TYR B 241 -27.36 18.71 18.08
C TYR B 241 -27.56 19.82 17.08
N ALA B 242 -27.88 21.04 17.55
CA ALA B 242 -28.08 22.14 16.61
C ALA B 242 -26.85 22.48 15.78
N ARG B 243 -25.67 22.48 16.41
CA ARG B 243 -24.45 22.82 15.71
C ARG B 243 -24.12 21.74 14.67
N TYR B 244 -24.32 20.50 15.08
CA TYR B 244 -24.09 19.35 14.18
C TYR B 244 -25.04 19.44 12.98
N GLN B 245 -26.31 19.75 13.26
CA GLN B 245 -27.33 19.89 12.20
CA GLN B 245 -27.29 19.85 12.18
C GLN B 245 -26.93 20.96 11.19
N ALA B 246 -26.51 22.10 11.67
CA ALA B 246 -26.05 23.16 10.73
C ALA B 246 -24.94 22.74 9.80
N TRP B 247 -23.95 22.02 10.35
CA TRP B 247 -22.75 21.75 9.53
C TRP B 247 -22.80 20.39 8.85
N LEU B 248 -23.72 19.53 9.28
CA LEU B 248 -23.79 18.19 8.71
C LEU B 248 -23.85 18.15 7.15
N PRO B 249 -24.56 19.06 6.49
CA PRO B 249 -24.51 18.90 5.02
C PRO B 249 -23.14 19.05 4.36
N LEU B 250 -22.31 19.89 4.97
CA LEU B 250 -20.92 20.09 4.52
C LEU B 250 -20.02 18.87 4.85
N ILE B 251 -20.21 18.32 6.04
CA ILE B 251 -19.52 17.12 6.48
C ILE B 251 -19.91 15.93 5.58
N ASN B 252 -21.22 15.80 5.38
CA ASN B 252 -21.77 14.81 4.44
C ASN B 252 -21.27 14.96 2.97
N HIS B 253 -21.22 16.18 2.45
CA HIS B 253 -20.68 16.34 1.10
C HIS B 253 -19.20 15.92 1.10
N GLU B 254 -18.44 16.29 2.14
CA GLU B 254 -17.04 15.83 2.19
C GLU B 254 -17.00 14.30 2.15
N ASN B 255 -17.76 13.72 3.07
CA ASN B 255 -17.65 12.32 3.28
C ASN B 255 -18.08 11.51 2.01
N ARG B 256 -19.17 11.95 1.34
CA ARG B 256 -19.79 11.21 0.22
C ARG B 256 -19.49 11.69 -1.18
N GLN B 257 -19.11 12.95 -1.36
CA GLN B 257 -18.98 13.44 -2.72
C GLN B 257 -17.59 13.89 -3.05
N SER B 258 -17.03 14.84 -2.27
CA SER B 258 -15.73 15.43 -2.65
C SER B 258 -14.53 14.75 -1.97
N GLY B 259 -14.76 14.08 -0.86
CA GLY B 259 -13.71 13.26 -0.28
C GLY B 259 -12.43 14.00 0.13
N ILE B 260 -11.30 13.31 -0.08
CA ILE B 260 -9.98 13.84 0.32
C ILE B 260 -9.69 15.28 -0.13
N LEU B 261 -10.04 15.60 -1.39
CA LEU B 261 -9.80 16.91 -1.99
C LEU B 261 -10.65 18.11 -1.47
N THR B 262 -11.64 17.80 -0.66
CA THR B 262 -12.55 18.79 -0.13
CA THR B 262 -12.55 18.80 -0.08
C THR B 262 -11.77 19.95 0.56
N ALA B 263 -10.92 19.59 1.52
CA ALA B 263 -10.15 20.56 2.27
C ALA B 263 -9.30 21.38 1.33
N LYS B 264 -8.72 20.74 0.32
CA LYS B 264 -7.91 21.48 -0.64
C LYS B 264 -8.69 22.39 -1.57
N ALA B 265 -9.85 21.94 -2.08
CA ALA B 265 -10.73 22.84 -2.86
C ALA B 265 -11.08 24.09 -2.05
N LEU B 266 -11.46 23.93 -0.78
CA LEU B 266 -11.79 25.05 0.12
CA LEU B 266 -11.79 25.07 0.11
C LEU B 266 -10.60 25.97 0.35
N MET B 267 -9.45 25.39 0.71
CA MET B 267 -8.28 26.20 0.87
C MET B 267 -7.85 26.93 -0.38
N ARG B 268 -8.03 26.33 -1.57
CA ARG B 268 -7.57 26.98 -2.79
C ARG B 268 -8.58 28.12 -3.09
N GLU B 269 -9.86 27.82 -2.91
CA GLU B 269 -10.86 28.91 -3.10
C GLU B 269 -10.58 30.11 -2.18
N GLY B 270 -10.23 29.85 -0.92
CA GLY B 270 -9.92 30.91 0.05
C GLY B 270 -8.58 31.56 -0.09
N GLY B 271 -7.79 31.16 -1.08
CA GLY B 271 -6.46 31.68 -1.23
C GLY B 271 -5.45 31.20 -0.23
N VAL B 272 -5.80 30.18 0.54
CA VAL B 272 -4.85 29.62 1.51
C VAL B 272 -3.69 28.86 0.79
N ILE B 273 -4.03 28.14 -0.26
CA ILE B 273 -3.00 27.33 -0.96
C ILE B 273 -3.06 27.63 -2.42
N ALA B 274 -1.97 27.37 -3.14
CA ALA B 274 -1.86 27.80 -4.52
C ALA B 274 -2.50 26.87 -5.52
N SER B 275 -2.55 25.57 -5.19
CA SER B 275 -3.12 24.56 -6.07
C SER B 275 -3.93 23.55 -5.26
N GLU B 276 -5.12 23.18 -5.72
CA GLU B 276 -5.89 22.16 -5.01
C GLU B 276 -5.79 20.76 -5.69
N ARG B 277 -4.83 20.61 -6.62
CA ARG B 277 -4.78 19.36 -7.35
C ARG B 277 -4.17 18.22 -6.52
N PRO B 278 -4.63 16.98 -6.81
CA PRO B 278 -4.01 15.77 -6.28
C PRO B 278 -2.84 15.47 -7.18
N ARG B 279 -2.11 14.40 -6.89
CA ARG B 279 -1.17 13.92 -7.95
C ARG B 279 -1.89 12.90 -8.79
N HIS B 280 -1.59 12.95 -10.09
CA HIS B 280 -2.07 11.98 -11.01
C HIS B 280 -1.62 10.57 -10.47
N PRO B 281 -2.50 9.54 -10.51
CA PRO B 281 -3.79 9.42 -11.17
C PRO B 281 -5.03 9.71 -10.33
N MET B 282 -4.93 10.27 -9.13
CA MET B 282 -6.11 10.53 -8.35
C MET B 282 -6.93 11.53 -9.19
N PRO B 283 -8.22 11.23 -9.41
CA PRO B 283 -9.01 12.14 -10.26
C PRO B 283 -9.31 13.48 -9.61
N GLU B 284 -9.36 14.49 -10.46
CA GLU B 284 -9.85 15.84 -10.05
CA GLU B 284 -9.83 15.82 -10.04
C GLU B 284 -11.31 15.77 -9.58
N LEU B 285 -11.75 16.74 -8.76
CA LEU B 285 -13.14 16.82 -8.39
C LEU B 285 -13.92 17.07 -9.65
N HIS B 286 -15.09 16.45 -9.74
CA HIS B 286 -15.97 16.80 -10.89
C HIS B 286 -16.48 18.25 -10.67
N PRO B 287 -16.70 18.98 -11.76
CA PRO B 287 -17.15 20.39 -11.63
C PRO B 287 -18.39 20.61 -10.76
N ASP B 288 -19.48 19.85 -10.92
CA ASP B 288 -20.70 20.06 -10.15
CA ASP B 288 -20.68 20.09 -10.12
C ASP B 288 -20.44 19.71 -8.67
N THR B 289 -19.73 18.62 -8.45
CA THR B 289 -19.34 18.25 -7.05
C THR B 289 -18.62 19.42 -6.34
N ARG B 290 -17.67 20.08 -7.05
CA ARG B 290 -16.88 21.16 -6.44
C ARG B 290 -17.79 22.42 -6.26
N ALA B 291 -18.60 22.68 -7.28
CA ALA B 291 -19.51 23.84 -7.22
C ALA B 291 -20.49 23.69 -6.03
N GLU B 292 -20.97 22.49 -5.85
CA GLU B 292 -21.87 22.18 -4.75
C GLU B 292 -21.21 22.31 -3.43
N LEU B 293 -19.97 21.86 -3.37
CA LEU B 293 -19.24 21.97 -2.16
C LEU B 293 -19.07 23.44 -1.78
N LEU B 294 -18.67 24.29 -2.74
CA LEU B 294 -18.48 25.71 -2.36
C LEU B 294 -19.80 26.34 -1.96
N ALA B 295 -20.89 25.94 -2.64
CA ALA B 295 -22.16 26.54 -2.35
C ALA B 295 -22.61 26.22 -0.92
N ILE B 296 -22.33 25.01 -0.47
CA ILE B 296 -22.68 24.66 0.90
C ILE B 296 -21.80 25.40 1.90
N ALA B 297 -20.51 25.48 1.57
CA ALA B 297 -19.61 26.10 2.52
C ALA B 297 -20.05 27.59 2.69
N ARG B 298 -20.46 28.24 1.59
CA ARG B 298 -20.78 29.67 1.65
CA ARG B 298 -20.80 29.66 1.64
C ARG B 298 -22.01 29.93 2.53
N ARG B 299 -22.81 28.90 2.78
CA ARG B 299 -23.98 29.09 3.65
C ARG B 299 -23.53 29.10 5.09
N LEU B 300 -22.31 28.65 5.34
CA LEU B 300 -21.83 28.44 6.71
C LEU B 300 -20.70 29.36 7.19
N ASP B 301 -20.13 30.12 6.26
CA ASP B 301 -19.14 31.19 6.56
C ASP B 301 -17.92 30.66 7.33
N PRO B 302 -17.33 29.58 6.85
CA PRO B 302 -16.18 29.01 7.55
C PRO B 302 -14.95 29.88 7.37
N LEU B 303 -14.02 29.75 8.33
CA LEU B 303 -12.86 30.66 8.30
C LEU B 303 -12.10 30.52 6.98
N VAL B 304 -12.10 29.34 6.39
CA VAL B 304 -11.19 29.11 5.27
C VAL B 304 -11.52 30.01 4.06
N LEU B 305 -12.76 30.51 4.00
CA LEU B 305 -13.13 31.41 2.93
C LEU B 305 -12.97 32.93 3.27
N ARG B 306 -12.50 33.21 4.48
CA ARG B 306 -12.23 34.60 4.90
C ARG B 306 -10.97 34.71 5.77
N TRP B 307 -9.87 34.10 5.30
CA TRP B 307 -8.67 33.98 6.11
C TRP B 307 -7.74 34.97 5.51
N ALA B 308 -7.48 36.02 6.29
CA ALA B 308 -6.91 37.26 5.77
C ALA B 308 -5.44 37.25 6.01
N HIS B 309 -4.78 36.27 5.40
CA HIS B 309 -3.36 36.12 5.53
C HIS B 309 -2.82 35.70 4.19
P PO4 C . -4.90 -32.49 -23.08
O1 PO4 C . -5.13 -33.75 -23.91
O2 PO4 C . -4.23 -31.45 -24.00
O3 PO4 C . -4.27 -32.86 -21.76
O4 PO4 C . -6.26 -31.80 -22.72
P PO4 D . -5.42 -18.38 -11.63
O1 PO4 D . -5.86 -18.61 -10.21
O2 PO4 D . -6.40 -18.85 -12.71
O3 PO4 D . -3.85 -18.77 -11.75
O4 PO4 D . -5.18 -16.87 -11.94
P PO4 E . 9.01 -13.51 12.76
O1 PO4 E . 8.50 -13.81 11.34
O2 PO4 E . 9.75 -12.17 12.70
O3 PO4 E . 10.10 -14.54 13.20
O4 PO4 E . 7.78 -13.52 13.68
NA NA F . 2.21 -13.55 -8.62
P PO4 G . -30.12 13.40 22.45
O1 PO4 G . -30.29 11.92 22.09
O2 PO4 G . -29.99 14.09 21.10
O3 PO4 G . -28.94 13.44 23.41
O4 PO4 G . -31.28 13.94 23.28
P PO4 H . -18.46 5.26 11.18
O1 PO4 H . -18.69 4.81 9.74
O2 PO4 H . -18.07 6.81 11.26
O3 PO4 H . -17.05 4.67 11.54
O4 PO4 H . -19.42 4.61 12.20
P PO4 I . 1.51 32.73 6.60
O1 PO4 I . 1.43 33.16 5.13
O2 PO4 I . 0.73 33.67 7.50
O3 PO4 I . 2.96 32.59 7.03
O4 PO4 I . 0.98 31.32 6.76
P PO4 J . -13.90 31.51 13.59
O1 PO4 J . -13.12 30.23 13.31
O2 PO4 J . -13.65 31.80 15.07
O3 PO4 J . -13.37 32.61 12.70
O4 PO4 J . -15.36 31.34 13.25
NA NA K . -10.05 8.96 8.46
#